data_7KVV
#
_entry.id   7KVV
#
_cell.length_a   104.271
_cell.length_b   104.271
_cell.length_c   52.107
_cell.angle_alpha   90.000
_cell.angle_beta   90.000
_cell.angle_gamma   90.000
#
_symmetry.space_group_name_H-M   'P 42 21 2'
#
loop_
_entity.id
_entity.type
_entity.pdbx_description
1 polymer 'Squash RNA aptamer bound to DFHO'
2 non-polymer 'MAGNESIUM ION'
3 non-polymer (5Z)-5-[(3,5-difluoro-4-hydroxyphenyl)methylidene]-2-[(E)-(hydroxyimino)methyl]-3-methyl-3,5-dihydro-4H-imidazol-4-one
4 water water
#
_entity_poly.entity_id   1
_entity_poly.type   'polyribonucleotide'
_entity_poly.pdbx_seq_one_letter_code
;(GTP)GGAAGAUACAAGGUGAGCCCAAUAAUAUGGUUUGGGUUAGGAUAGGAAGUAGAGCCUUAAACUCUCUAAGCGGUA
UCUUCCC
;
_entity_poly.pdbx_strand_id   D
#
loop_
_chem_comp.id
_chem_comp.type
_chem_comp.name
_chem_comp.formula
747 non-polymer (5Z)-5-[(3,5-difluoro-4-hydroxyphenyl)methylidene]-2-[(E)-(hydroxyimino)methyl]-3-methyl-3,5-dihydro-4H-imidazol-4-one 'C12 H9 F2 N3 O3'
A RNA linking ADENOSINE-5'-MONOPHOSPHATE 'C10 H14 N5 O7 P'
C RNA linking CYTIDINE-5'-MONOPHOSPHATE 'C9 H14 N3 O8 P'
G RNA linking GUANOSINE-5'-MONOPHOSPHATE 'C10 H14 N5 O8 P'
GTP non-polymer GUANOSINE-5'-TRIPHOSPHATE 'C10 H16 N5 O14 P3'
MG non-polymer 'MAGNESIUM ION' 'Mg 2'
U RNA linking URIDINE-5'-MONOPHOSPHATE 'C9 H13 N2 O9 P'
#
# COMPACT_ATOMS: atom_id res chain seq x y z
PG GTP A 1 0.86 15.11 4.73
O1G GTP A 1 0.46 15.98 5.91
O2G GTP A 1 -0.33 14.92 3.82
O3G GTP A 1 1.35 13.78 5.23
O3B GTP A 1 2.04 15.87 3.93
PB GTP A 1 3.58 15.69 4.34
O1B GTP A 1 4.45 16.58 3.48
O2B GTP A 1 3.79 15.98 5.81
O3A GTP A 1 3.88 14.14 4.02
PA GTP A 1 3.99 13.65 2.50
O1A GTP A 1 3.32 14.66 1.58
O2A GTP A 1 3.38 12.28 2.33
O5' GTP A 1 5.57 13.62 2.21
C5' GTP A 1 6.27 12.40 2.27
C4' GTP A 1 7.17 12.34 3.50
O4' GTP A 1 6.60 13.03 4.59
C3' GTP A 1 7.35 10.91 4.00
O3' GTP A 1 8.51 10.33 3.43
C2' GTP A 1 7.53 11.06 5.50
O2' GTP A 1 8.87 10.88 5.86
C1' GTP A 1 7.09 12.49 5.81
N9 GTP A 1 6.04 12.50 6.85
C8 GTP A 1 4.89 13.23 6.80
N7 GTP A 1 4.17 12.99 7.93
C5 GTP A 1 4.87 12.15 8.72
C6 GTP A 1 4.61 11.61 9.96
O6 GTP A 1 3.56 11.88 10.55
N1 GTP A 1 5.52 10.75 10.55
C2 GTP A 1 6.69 10.45 9.88
N2 GTP A 1 7.57 9.63 10.44
N3 GTP A 1 6.94 10.99 8.65
C4 GTP A 1 6.05 11.83 8.06
MG MG B . -6.15 -7.44 -12.30
F1 747 C . -8.37 -20.17 -4.60
C2 747 C . -9.11 -20.06 -5.75
C1 747 C . -10.41 -19.61 -5.69
O1 747 C . -10.98 -19.26 -4.46
C3 747 C . -8.55 -20.40 -6.96
C4 747 C . -9.29 -20.30 -8.14
C5 747 C . -10.59 -19.85 -8.06
C 747 C . -11.16 -19.50 -6.85
F 747 C . -12.45 -19.05 -6.80
C6 747 C . -8.71 -20.68 -9.51
C7 747 C . -7.45 -20.97 -9.77
C10 747 C . -6.88 -21.21 -11.18
C12 747 C . -5.18 -21.45 -9.59
N13 747 C . -6.36 -21.13 -8.87
O14 747 C . -7.48 -21.18 -12.20
N15 747 C . -5.44 -21.52 -11.03
C16 747 C . -4.49 -21.82 -12.08
C17 747 C . -3.82 -21.69 -8.94
N18 747 C . -2.79 -21.14 -9.38
MG MG D . -1.02 -15.31 -11.08
#